data_2RG3
#
_entry.id   2RG3
#
_cell.length_a   73.200
_cell.length_b   73.200
_cell.length_c   70.100
_cell.angle_alpha   90.00
_cell.angle_beta   90.00
_cell.angle_gamma   120.00
#
_symmetry.space_group_name_H-M   'P 63'
#
loop_
_entity.id
_entity.type
_entity.pdbx_description
1 polymer 'Leukocyte elastase'
2 branched 2-acetamido-2-deoxy-beta-D-glucopyranose-(1-4)-[alpha-L-fucopyranose-(1-6)]2-acetamido-2-deoxy-beta-D-glucopyranose
3 non-polymer '4-(2-HYDROXYETHYL)-1-PIPERAZINE ETHANESULFONIC ACID'
4 water water
#
_entity_poly.entity_id   1
_entity_poly.type   'polypeptide(L)'
_entity_poly.pdbx_seq_one_letter_code
;IVGGRRARPHAWPFMVSLQLRGGHFCGATLIAPNFVMSAAHCVANVNVRAVRVVLGAHNLSRREPTRQVFAVQRIFENGY
DPVNLLNDIVILQLNGSATINANVQVAQLPAQGRRLGNGVQCLAMGWGLLGRNRGIASVLQELNVTVVTSLCRRSNVCTL
VRGRQAGVCFGD(BG1)GSPLVCNGLIHGIASFVRGGCASGLYPDAFAPVAQFVNWIDSIIQ
;
_entity_poly.pdbx_strand_id   A
#
loop_
_chem_comp.id
_chem_comp.type
_chem_comp.name
_chem_comp.formula
EPE non-polymer '4-(2-HYDROXYETHYL)-1-PIPERAZINE ETHANESULFONIC ACID' 'C8 H18 N2 O4 S'
FUC L-saccharide, alpha linking alpha-L-fucopyranose 'C6 H12 O5'
NAG D-saccharide, beta linking 2-acetamido-2-deoxy-beta-D-glucopyranose 'C8 H15 N O6'
#
# COMPACT_ATOMS: atom_id res chain seq x y z
N ILE A 1 -0.70 -6.84 8.57
CA ILE A 1 -2.17 -7.19 8.51
C ILE A 1 -2.52 -8.08 9.69
N VAL A 2 -3.46 -7.62 10.51
CA VAL A 2 -3.92 -8.36 11.68
C VAL A 2 -5.25 -9.03 11.37
N GLY A 3 -5.33 -10.34 11.59
CA GLY A 3 -6.56 -11.08 11.36
C GLY A 3 -6.88 -11.39 9.91
N GLY A 4 -5.87 -11.28 9.04
CA GLY A 4 -6.07 -11.58 7.63
C GLY A 4 -5.71 -13.01 7.32
N ARG A 5 -5.33 -13.27 6.06
CA ARG A 5 -4.97 -14.62 5.62
C ARG A 5 -3.83 -14.53 4.60
N ARG A 6 -3.15 -15.65 4.37
CA ARG A 6 -2.07 -15.66 3.40
C ARG A 6 -2.67 -15.52 2.01
N ALA A 7 -2.09 -14.66 1.18
CA ALA A 7 -2.58 -14.49 -0.17
C ALA A 7 -2.05 -15.66 -1.00
N ARG A 8 -2.75 -15.98 -2.08
CA ARG A 8 -2.31 -17.04 -2.97
C ARG A 8 -1.01 -16.48 -3.55
N PRO A 9 0.00 -17.34 -3.77
CA PRO A 9 1.26 -16.83 -4.33
C PRO A 9 1.05 -15.99 -5.59
N HIS A 10 1.58 -14.78 -5.56
CA HIS A 10 1.50 -13.86 -6.70
C HIS A 10 0.09 -13.51 -7.16
N ALA A 11 -0.86 -13.52 -6.23
CA ALA A 11 -2.24 -13.21 -6.56
C ALA A 11 -2.38 -11.73 -6.91
N TRP A 12 -1.47 -10.90 -6.38
CA TRP A 12 -1.50 -9.46 -6.59
C TRP A 12 -0.12 -9.02 -7.10
N PRO A 13 0.16 -9.29 -8.38
CA PRO A 13 1.43 -8.96 -9.03
C PRO A 13 1.87 -7.50 -9.06
N PHE A 14 0.97 -6.60 -8.64
CA PHE A 14 1.29 -5.17 -8.58
C PHE A 14 1.80 -4.80 -7.18
N MET A 15 1.75 -5.77 -6.26
CA MET A 15 2.19 -5.54 -4.87
C MET A 15 3.70 -5.43 -4.77
N VAL A 16 4.16 -4.38 -4.10
CA VAL A 16 5.57 -4.08 -3.95
C VAL A 16 6.04 -4.03 -2.49
N SER A 17 7.26 -4.46 -2.25
CA SER A 17 7.85 -4.41 -0.91
C SER A 17 9.01 -3.42 -0.95
N LEU A 18 8.97 -2.39 -0.11
CA LEU A 18 10.06 -1.43 -0.04
C LEU A 18 10.96 -1.90 1.09
N GLN A 19 12.24 -2.06 0.81
CA GLN A 19 13.16 -2.57 1.82
C GLN A 19 14.43 -1.75 2.00
N LEU A 20 15.06 -1.97 3.15
CA LEU A 20 16.32 -1.33 3.51
C LEU A 20 17.20 -2.49 3.94
N ARG A 21 18.48 -2.23 4.21
CA ARG A 21 19.38 -3.31 4.61
C ARG A 21 18.70 -4.37 5.48
N GLY A 22 18.00 -3.92 6.51
CA GLY A 22 17.31 -4.83 7.43
C GLY A 22 16.15 -5.60 6.83
N GLY A 23 15.52 -5.04 5.80
CA GLY A 23 14.40 -5.73 5.18
C GLY A 23 13.20 -4.84 4.94
N HIS A 24 12.04 -5.47 4.79
CA HIS A 24 10.76 -4.80 4.53
C HIS A 24 10.41 -3.73 5.57
N PHE A 25 9.96 -2.57 5.10
CA PHE A 25 9.53 -1.49 6.01
C PHE A 25 8.26 -0.80 5.54
N CYS A 26 7.88 -1.02 4.28
CA CYS A 26 6.68 -0.42 3.72
C CYS A 26 6.24 -1.12 2.45
N GLY A 27 4.97 -0.95 2.09
CA GLY A 27 4.47 -1.54 0.88
C GLY A 27 4.42 -0.48 -0.20
N ALA A 28 4.10 -0.89 -1.43
CA ALA A 28 4.00 0.04 -2.55
C ALA A 28 3.21 -0.65 -3.65
N THR A 29 2.88 0.11 -4.69
CA THR A 29 2.11 -0.42 -5.82
C THR A 29 2.79 -0.06 -7.13
N LEU A 30 2.95 -1.04 -8.01
CA LEU A 30 3.56 -0.79 -9.32
C LEU A 30 2.46 -0.18 -10.20
N ILE A 31 2.66 1.07 -10.64
CA ILE A 31 1.65 1.74 -11.48
C ILE A 31 2.10 1.98 -12.91
N ALA A 32 3.33 1.56 -13.21
CA ALA A 32 3.94 1.64 -14.54
C ALA A 32 5.25 0.86 -14.41
N PRO A 33 5.81 0.39 -15.53
CA PRO A 33 7.07 -0.36 -15.41
C PRO A 33 8.17 0.32 -14.60
N ASN A 34 8.26 1.65 -14.69
CA ASN A 34 9.31 2.37 -13.96
C ASN A 34 8.82 3.31 -12.87
N PHE A 35 7.61 3.07 -12.38
CA PHE A 35 7.04 3.91 -11.33
C PHE A 35 6.24 3.12 -10.29
N VAL A 36 6.51 3.35 -9.00
CA VAL A 36 5.73 2.73 -7.95
C VAL A 36 5.11 3.86 -7.15
N MET A 37 3.99 3.55 -6.50
CA MET A 37 3.24 4.49 -5.71
C MET A 37 3.22 4.00 -4.27
N SER A 38 3.49 4.88 -3.32
CA SER A 38 3.51 4.48 -1.91
C SER A 38 3.02 5.64 -1.07
N ALA A 39 3.18 5.52 0.26
CA ALA A 39 2.77 6.58 1.16
C ALA A 39 3.99 7.48 1.38
N ALA A 40 3.76 8.79 1.37
CA ALA A 40 4.84 9.75 1.58
C ALA A 40 5.52 9.50 2.92
N HIS A 41 4.75 9.06 3.92
CA HIS A 41 5.30 8.80 5.24
C HIS A 41 6.46 7.80 5.17
N CYS A 42 6.33 6.83 4.27
CA CYS A 42 7.34 5.79 4.11
C CYS A 42 8.75 6.27 3.75
N VAL A 43 8.84 7.39 3.03
CA VAL A 43 10.15 7.91 2.65
C VAL A 43 10.45 9.26 3.27
N ALA A 44 9.66 9.64 4.27
CA ALA A 44 9.86 10.92 4.95
C ALA A 44 11.18 10.98 5.70
N ASN A 45 11.49 9.93 6.46
CA ASN A 45 12.72 9.89 7.24
C ASN A 45 13.62 8.71 6.89
N VAL A 46 13.81 8.47 5.59
CA VAL A 46 14.65 7.37 5.14
C VAL A 46 15.58 7.82 4.03
N ASN A 47 16.73 7.15 3.92
CA ASN A 47 17.69 7.48 2.87
C ASN A 47 17.17 6.84 1.58
N VAL A 48 16.50 7.62 0.76
CA VAL A 48 15.92 7.14 -0.50
C VAL A 48 16.92 6.40 -1.38
N ARG A 49 18.20 6.78 -1.30
CA ARG A 49 19.22 6.13 -2.10
C ARG A 49 19.54 4.72 -1.61
N ALA A 50 19.04 4.37 -0.43
CA ALA A 50 19.28 3.06 0.14
C ALA A 50 18.06 2.15 -0.01
N VAL A 51 16.93 2.74 -0.42
CA VAL A 51 15.70 1.97 -0.58
C VAL A 51 15.73 1.03 -1.78
N ARG A 52 15.35 -0.22 -1.54
CA ARG A 52 15.29 -1.21 -2.59
C ARG A 52 13.83 -1.51 -2.87
N VAL A 53 13.44 -1.41 -4.13
CA VAL A 53 12.07 -1.67 -4.55
C VAL A 53 12.01 -3.11 -5.04
N VAL A 54 11.35 -3.97 -4.27
CA VAL A 54 11.24 -5.38 -4.60
C VAL A 54 9.90 -5.76 -5.21
N LEU A 55 9.94 -6.19 -6.47
CA LEU A 55 8.75 -6.59 -7.21
C LEU A 55 8.70 -8.12 -7.31
N GLY A 56 7.51 -8.67 -7.53
CA GLY A 56 7.34 -10.10 -7.68
C GLY A 56 7.61 -10.99 -6.47
N ALA A 57 7.50 -10.43 -5.27
CA ALA A 57 7.74 -11.20 -4.06
C ALA A 57 6.46 -11.80 -3.45
N HIS A 58 6.64 -12.82 -2.62
CA HIS A 58 5.51 -13.45 -1.94
C HIS A 58 5.91 -13.77 -0.51
N ASN A 59 6.95 -14.58 -0.37
CA ASN A 59 7.47 -14.97 0.94
C ASN A 59 8.81 -14.26 1.11
N LEU A 60 8.82 -13.20 1.90
CA LEU A 60 10.03 -12.41 2.11
C LEU A 60 11.16 -13.13 2.85
N SER A 61 10.83 -14.25 3.51
CA SER A 61 11.83 -15.00 4.27
C SER A 61 12.65 -15.93 3.39
N ARG A 62 12.19 -16.17 2.17
CA ARG A 62 12.90 -17.04 1.24
C ARG A 62 13.49 -16.28 0.07
N ARG A 63 14.42 -16.94 -0.62
CA ARG A 63 15.05 -16.37 -1.80
C ARG A 63 14.10 -16.72 -2.95
N GLU A 64 13.59 -15.71 -3.64
CA GLU A 64 12.66 -15.94 -4.73
C GLU A 64 13.17 -15.42 -6.07
N PRO A 65 13.34 -16.33 -7.05
CA PRO A 65 13.83 -15.98 -8.38
C PRO A 65 12.83 -15.13 -9.18
N THR A 66 11.58 -15.09 -8.71
CA THR A 66 10.54 -14.31 -9.37
C THR A 66 10.70 -12.82 -9.07
N ARG A 67 11.56 -12.49 -8.11
CA ARG A 67 11.76 -11.11 -7.73
C ARG A 67 12.57 -10.27 -8.71
N GLN A 68 12.26 -8.97 -8.73
CA GLN A 68 12.93 -8.00 -9.55
C GLN A 68 13.18 -6.82 -8.61
N VAL A 69 14.44 -6.44 -8.45
CA VAL A 69 14.77 -5.36 -7.54
C VAL A 69 15.32 -4.11 -8.22
N PHE A 70 14.77 -2.96 -7.83
CA PHE A 70 15.20 -1.68 -8.39
C PHE A 70 15.53 -0.67 -7.30
N ALA A 71 16.20 0.40 -7.72
CA ALA A 71 16.56 1.47 -6.80
C ALA A 71 15.66 2.65 -7.16
N VAL A 72 15.58 3.62 -6.26
CA VAL A 72 14.77 4.80 -6.51
C VAL A 72 15.62 5.88 -7.15
N GLN A 73 15.17 6.36 -8.31
CA GLN A 73 15.91 7.37 -9.05
C GLN A 73 15.42 8.78 -8.74
N ARG A 74 14.11 8.94 -8.65
CA ARG A 74 13.51 10.24 -8.38
C ARG A 74 12.26 10.09 -7.52
N ILE A 75 11.92 11.15 -6.80
CA ILE A 75 10.74 11.16 -5.93
C ILE A 75 9.80 12.29 -6.36
N PHE A 76 8.50 11.99 -6.43
CA PHE A 76 7.52 13.01 -6.78
C PHE A 76 6.57 13.12 -5.59
N GLU A 77 6.50 14.31 -5.01
CA GLU A 77 5.65 14.55 -3.85
C GLU A 77 4.40 15.34 -4.22
N ASN A 78 3.41 15.29 -3.33
CA ASN A 78 2.15 15.99 -3.57
C ASN A 78 1.62 16.66 -2.30
N GLY A 79 2.48 17.42 -1.62
CA GLY A 79 2.07 18.13 -0.42
C GLY A 79 1.82 17.35 0.86
N TYR A 80 2.58 16.29 1.10
CA TYR A 80 2.41 15.49 2.31
C TYR A 80 2.45 16.36 3.57
N ASP A 81 1.47 16.16 4.45
CA ASP A 81 1.35 16.89 5.71
C ASP A 81 1.51 15.88 6.83
N PRO A 82 2.73 15.77 7.39
CA PRO A 82 3.04 14.82 8.48
C PRO A 82 2.31 15.03 9.81
N VAL A 83 1.83 16.25 10.07
CA VAL A 83 1.13 16.50 11.32
C VAL A 83 -0.35 16.16 11.22
N ASN A 84 -0.97 16.53 10.10
CA ASN A 84 -2.39 16.25 9.90
C ASN A 84 -2.62 14.94 9.17
N LEU A 85 -1.54 14.31 8.73
CA LEU A 85 -1.63 13.03 8.01
C LEU A 85 -2.48 13.18 6.75
N LEU A 86 -2.14 14.17 5.92
CA LEU A 86 -2.87 14.44 4.69
C LEU A 86 -1.95 14.32 3.47
N ASN A 87 -2.54 13.99 2.32
CA ASN A 87 -1.80 13.83 1.08
C ASN A 87 -0.65 12.84 1.28
N ASP A 88 -0.95 11.72 1.91
CA ASP A 88 0.06 10.70 2.19
C ASP A 88 0.28 9.83 0.97
N ILE A 89 0.89 10.43 -0.06
CA ILE A 89 1.17 9.71 -1.29
C ILE A 89 2.45 10.22 -1.92
N VAL A 90 3.18 9.31 -2.55
CA VAL A 90 4.43 9.65 -3.21
C VAL A 90 4.66 8.70 -4.36
N ILE A 91 5.28 9.19 -5.42
CA ILE A 91 5.59 8.35 -6.56
C ILE A 91 7.10 8.23 -6.64
N LEU A 92 7.59 7.00 -6.73
CA LEU A 92 9.02 6.74 -6.80
C LEU A 92 9.38 6.26 -8.20
N GLN A 93 10.23 6.99 -8.89
CA GLN A 93 10.65 6.57 -10.22
C GLN A 93 11.82 5.63 -10.03
N LEU A 94 11.79 4.50 -10.71
CA LEU A 94 12.84 3.50 -10.58
C LEU A 94 14.04 3.78 -11.47
N ASN A 95 15.17 3.15 -11.16
CA ASN A 95 16.41 3.33 -11.91
C ASN A 95 16.40 2.47 -13.18
N GLY A 96 15.25 1.87 -13.45
CA GLY A 96 15.10 1.04 -14.63
C GLY A 96 13.63 0.69 -14.78
N SER A 97 13.30 -0.16 -15.75
CA SER A 97 11.92 -0.55 -15.95
C SER A 97 11.72 -2.03 -15.70
N ALA A 98 10.64 -2.35 -14.98
CA ALA A 98 10.33 -3.73 -14.65
C ALA A 98 9.95 -4.54 -15.87
N THR A 99 10.19 -5.84 -15.80
CA THR A 99 9.83 -6.74 -16.88
C THR A 99 8.44 -7.25 -16.49
N ILE A 100 7.42 -6.79 -17.22
CA ILE A 100 6.04 -7.19 -16.92
C ILE A 100 5.80 -8.64 -17.31
N ASN A 101 5.38 -9.44 -16.32
CA ASN A 101 5.09 -10.85 -16.55
C ASN A 101 4.01 -11.35 -15.58
N ALA A 102 3.93 -12.66 -15.40
CA ALA A 102 2.92 -13.24 -14.53
C ALA A 102 3.04 -12.82 -13.08
N ASN A 103 4.26 -12.56 -12.63
CA ASN A 103 4.50 -12.18 -11.24
C ASN A 103 4.69 -10.69 -10.98
N VAL A 104 4.80 -9.92 -12.05
CA VAL A 104 4.99 -8.47 -11.93
C VAL A 104 4.09 -7.74 -12.93
N GLN A 105 3.10 -7.03 -12.40
CA GLN A 105 2.16 -6.32 -13.26
C GLN A 105 1.78 -4.93 -12.77
N VAL A 106 1.31 -4.12 -13.72
CA VAL A 106 0.89 -2.75 -13.44
C VAL A 106 -0.55 -2.76 -12.96
N ALA A 107 -0.83 -2.04 -11.86
CA ALA A 107 -2.17 -1.98 -11.31
C ALA A 107 -3.09 -1.05 -12.12
N GLN A 108 -4.39 -1.19 -11.90
CA GLN A 108 -5.37 -0.34 -12.57
C GLN A 108 -5.82 0.68 -11.53
N LEU A 109 -5.92 1.94 -11.94
CA LEU A 109 -6.32 3.02 -11.04
C LEU A 109 -7.75 3.49 -11.37
N PRO A 110 -8.40 4.13 -10.39
CA PRO A 110 -9.76 4.63 -10.60
C PRO A 110 -9.79 5.93 -11.39
N ALA A 111 -11.00 6.40 -11.70
CA ALA A 111 -11.16 7.64 -12.42
C ALA A 111 -10.93 8.78 -11.43
N GLN A 112 -10.38 9.89 -11.90
CA GLN A 112 -10.13 11.04 -11.05
C GLN A 112 -11.41 11.47 -10.33
N GLY A 113 -11.31 11.67 -9.02
CA GLY A 113 -12.45 12.11 -8.23
C GLY A 113 -13.48 11.07 -7.81
N ARG A 114 -13.31 9.83 -8.26
CA ARG A 114 -14.27 8.78 -7.92
C ARG A 114 -14.27 8.44 -6.43
N ARG A 115 -15.42 8.57 -5.79
CA ARG A 115 -15.53 8.26 -4.37
C ARG A 115 -16.18 6.89 -4.17
N LEU A 116 -15.89 6.27 -3.03
CA LEU A 116 -16.45 4.97 -2.70
C LEU A 116 -17.54 5.16 -1.66
N GLY A 117 -18.70 4.55 -1.90
CA GLY A 117 -19.78 4.68 -0.95
C GLY A 117 -19.61 3.77 0.26
N ASN A 118 -20.36 4.08 1.31
CA ASN A 118 -20.30 3.28 2.52
C ASN A 118 -20.79 1.87 2.17
N GLY A 119 -20.01 0.86 2.53
CA GLY A 119 -20.41 -0.51 2.23
C GLY A 119 -19.60 -1.19 1.15
N VAL A 120 -18.78 -0.42 0.43
CA VAL A 120 -17.96 -1.00 -0.61
C VAL A 120 -17.04 -2.06 -0.01
N GLN A 121 -16.88 -3.18 -0.71
CA GLN A 121 -16.02 -4.26 -0.24
C GLN A 121 -14.67 -4.17 -0.92
N CYS A 122 -13.61 -4.14 -0.12
CA CYS A 122 -12.25 -4.05 -0.65
C CYS A 122 -11.37 -5.10 -0.02
N LEU A 123 -10.15 -5.19 -0.55
CA LEU A 123 -9.17 -6.13 -0.04
C LEU A 123 -7.92 -5.32 0.34
N ALA A 124 -7.53 -5.42 1.61
CA ALA A 124 -6.33 -4.74 2.08
C ALA A 124 -5.26 -5.81 2.04
N MET A 125 -3.98 -5.41 2.01
CA MET A 125 -2.89 -6.38 1.96
C MET A 125 -1.57 -5.77 2.40
N GLY A 126 -0.62 -6.63 2.74
CA GLY A 126 0.68 -6.16 3.16
C GLY A 126 1.48 -7.18 3.94
N TRP A 127 2.74 -6.87 4.18
CA TRP A 127 3.64 -7.72 4.94
C TRP A 127 3.86 -7.14 6.33
N GLY A 128 2.94 -6.27 6.76
CA GLY A 128 3.05 -5.64 8.06
C GLY A 128 2.84 -6.57 9.25
N LEU A 129 2.86 -6.01 10.45
CA LEU A 129 2.69 -6.80 11.68
C LEU A 129 1.43 -7.65 11.65
N LEU A 130 1.57 -8.88 12.14
CA LEU A 130 0.48 -9.85 12.16
C LEU A 130 -0.48 -9.69 13.34
N GLY A 131 -0.14 -8.82 14.28
CA GLY A 131 -1.03 -8.62 15.40
C GLY A 131 -0.70 -7.37 16.16
N ARG A 132 -1.52 -7.05 17.15
CA ARG A 132 -1.28 -5.88 17.98
C ARG A 132 -0.10 -6.32 18.87
N ASN A 133 0.64 -7.30 18.37
CA ASN A 133 1.81 -7.88 19.03
C ASN A 133 2.23 -9.20 18.35
N ARG A 134 2.64 -9.15 17.08
CA ARG A 134 3.04 -10.38 16.38
C ARG A 134 4.23 -10.32 15.43
N GLY A 135 4.63 -9.13 14.99
CA GLY A 135 5.77 -9.01 14.10
C GLY A 135 5.43 -9.05 12.61
N ILE A 136 6.43 -8.74 11.78
CA ILE A 136 6.26 -8.72 10.33
C ILE A 136 5.97 -10.10 9.72
N ALA A 137 5.11 -10.13 8.72
CA ALA A 137 4.76 -11.38 8.06
C ALA A 137 5.81 -11.77 7.03
N SER A 138 5.93 -13.07 6.79
CA SER A 138 6.87 -13.57 5.80
C SER A 138 6.12 -13.65 4.47
N VAL A 139 4.94 -14.27 4.53
CA VAL A 139 4.08 -14.43 3.36
C VAL A 139 3.07 -13.28 3.29
N LEU A 140 2.90 -12.73 2.10
CA LEU A 140 1.97 -11.63 1.89
C LEU A 140 0.58 -11.96 2.44
N GLN A 141 0.00 -11.02 3.18
CA GLN A 141 -1.31 -11.23 3.77
C GLN A 141 -2.37 -10.37 3.09
N GLU A 142 -3.62 -10.85 3.09
CA GLU A 142 -4.71 -10.09 2.52
C GLU A 142 -5.85 -10.10 3.52
N LEU A 143 -6.73 -9.11 3.41
CA LEU A 143 -7.83 -8.99 4.35
C LEU A 143 -9.06 -8.31 3.76
N ASN A 144 -10.22 -8.91 3.98
CA ASN A 144 -11.48 -8.33 3.51
C ASN A 144 -11.85 -7.18 4.43
N VAL A 145 -12.07 -5.99 3.87
CA VAL A 145 -12.47 -4.84 4.67
C VAL A 145 -13.65 -4.16 4.00
N THR A 146 -14.36 -3.32 4.75
CA THR A 146 -15.51 -2.60 4.22
C THR A 146 -15.32 -1.11 4.35
N VAL A 147 -15.64 -0.37 3.29
CA VAL A 147 -15.50 1.08 3.33
C VAL A 147 -16.53 1.71 4.26
N VAL A 148 -16.07 2.66 5.07
CA VAL A 148 -16.95 3.37 5.98
C VAL A 148 -16.66 4.86 5.88
N THR A 149 -17.70 5.68 5.90
CA THR A 149 -17.53 7.12 5.82
C THR A 149 -17.61 7.78 7.19
N SER A 150 -18.13 7.05 8.17
CA SER A 150 -18.25 7.57 9.53
C SER A 150 -16.91 7.43 10.25
N LEU A 151 -16.60 8.42 11.08
CA LEU A 151 -15.34 8.41 11.84
C LEU A 151 -14.18 8.47 10.86
N CYS A 152 -14.41 9.14 9.74
CA CYS A 152 -13.42 9.30 8.67
C CYS A 152 -13.62 10.66 8.03
N ARG A 153 -12.55 11.30 7.60
CA ARG A 153 -12.68 12.59 6.94
C ARG A 153 -12.78 12.40 5.43
N ARG A 154 -13.27 13.43 4.75
CA ARG A 154 -13.44 13.38 3.30
C ARG A 154 -12.11 13.25 2.56
N SER A 155 -11.02 13.54 3.26
CA SER A 155 -9.69 13.48 2.67
C SER A 155 -9.05 12.11 2.78
N ASN A 156 -9.83 11.13 3.25
CA ASN A 156 -9.35 9.76 3.41
C ASN A 156 -10.41 8.77 2.95
N VAL A 157 -9.96 7.56 2.66
CA VAL A 157 -10.86 6.47 2.32
C VAL A 157 -10.58 5.61 3.55
N CYS A 158 -11.61 5.30 4.33
CA CYS A 158 -11.40 4.48 5.51
C CYS A 158 -12.14 3.16 5.40
N THR A 159 -11.64 2.17 6.11
CA THR A 159 -12.25 0.84 6.08
C THR A 159 -12.35 0.28 7.49
N LEU A 160 -13.26 -0.67 7.66
CA LEU A 160 -13.47 -1.28 8.97
C LEU A 160 -13.97 -2.70 8.82
N VAL A 161 -13.47 -3.59 9.67
CA VAL A 161 -13.92 -4.98 9.68
C VAL A 161 -14.85 -5.08 10.89
N ARG A 162 -16.08 -5.57 10.67
CA ARG A 162 -17.04 -5.66 11.76
C ARG A 162 -17.19 -7.08 12.30
N GLY A 163 -17.47 -7.19 13.59
CA GLY A 163 -17.66 -8.49 14.20
C GLY A 163 -16.41 -9.13 14.74
N ARG A 164 -15.27 -8.44 14.59
CA ARG A 164 -13.99 -8.96 15.07
C ARG A 164 -12.92 -7.90 14.88
N GLN A 165 -11.81 -8.04 15.59
CA GLN A 165 -10.70 -7.10 15.49
C GLN A 165 -9.73 -7.52 14.39
N ALA A 166 -9.57 -6.66 13.39
CA ALA A 166 -8.66 -6.94 12.28
C ALA A 166 -8.42 -5.64 11.54
N GLY A 167 -7.30 -5.56 10.83
CA GLY A 167 -6.99 -4.35 10.08
C GLY A 167 -5.52 -4.27 9.71
N VAL A 168 -5.11 -3.15 9.10
CA VAL A 168 -3.71 -2.99 8.74
C VAL A 168 -2.91 -2.67 9.98
N CYS A 169 -1.59 -2.76 9.89
CA CYS A 169 -0.74 -2.47 11.02
C CYS A 169 0.62 -1.96 10.55
N PHE A 170 1.53 -1.74 11.49
CA PHE A 170 2.85 -1.24 11.18
C PHE A 170 3.56 -2.11 10.14
N GLY A 171 4.07 -1.47 9.10
CA GLY A 171 4.72 -2.19 8.03
C GLY A 171 3.80 -2.29 6.82
N ASP A 172 2.52 -1.99 7.03
CA ASP A 172 1.56 -2.03 5.93
C ASP A 172 1.43 -0.68 5.25
N BG1 A 173 1.96 0.37 5.87
CA BG1 A 173 1.87 1.71 5.27
CB BG1 A 173 2.73 2.70 6.07
OG BG1 A 173 2.16 2.92 7.34
C BG1 A 173 2.39 1.66 3.84
O BG1 A 173 3.39 1.00 3.56
C1 BG1 A 173 -1.35 1.95 8.73
C2 BG1 A 173 -0.21 1.64 9.67
C3 BG1 A 173 0.63 2.90 9.91
C4 BG1 A 173 2.13 2.68 9.79
C5 BG1 A 173 2.51 2.21 8.38
C6 BG1 A 173 2.71 5.01 9.27
C7 BG1 A 173 4.07 5.30 12.08
N1 BG1 A 173 2.89 3.89 10.22
N2 BG1 A 173 4.88 4.60 11.37
O1 BG1 A 173 3.16 1.17 8.22
O2 BG1 A 173 4.48 2.25 11.06
O3 BG1 A 173 5.08 3.58 9.18
S BG1 A 173 4.32 3.58 10.46
N GLY A 174 1.69 2.35 2.94
CA GLY A 174 2.08 2.39 1.54
C GLY A 174 1.49 1.28 0.69
N SER A 175 0.91 0.28 1.33
CA SER A 175 0.31 -0.85 0.60
C SER A 175 -1.01 -0.47 -0.03
N PRO A 176 -1.33 -1.11 -1.17
CA PRO A 176 -2.58 -0.83 -1.87
C PRO A 176 -3.84 -1.39 -1.22
N LEU A 177 -4.95 -0.71 -1.46
CA LEU A 177 -6.26 -1.12 -1.01
C LEU A 177 -6.97 -1.31 -2.35
N VAL A 178 -7.37 -2.54 -2.65
CA VAL A 178 -8.04 -2.84 -3.91
C VAL A 178 -9.54 -2.91 -3.75
N CYS A 179 -10.26 -2.10 -4.52
CA CYS A 179 -11.72 -2.09 -4.44
C CYS A 179 -12.29 -2.12 -5.84
N ASN A 180 -13.11 -3.13 -6.12
CA ASN A 180 -13.70 -3.26 -7.44
C ASN A 180 -12.63 -3.31 -8.52
N GLY A 181 -11.54 -4.02 -8.21
CA GLY A 181 -10.44 -4.21 -9.13
C GLY A 181 -9.48 -3.05 -9.33
N LEU A 182 -9.73 -1.93 -8.65
CA LEU A 182 -8.89 -0.75 -8.79
C LEU A 182 -8.21 -0.36 -7.48
N ILE A 183 -7.05 0.27 -7.57
CA ILE A 183 -6.33 0.69 -6.37
C ILE A 183 -6.93 2.01 -5.90
N HIS A 184 -7.81 1.93 -4.90
CA HIS A 184 -8.48 3.11 -4.38
C HIS A 184 -7.83 3.72 -3.13
N GLY A 185 -6.88 3.00 -2.54
CA GLY A 185 -6.22 3.54 -1.37
C GLY A 185 -4.79 3.10 -1.16
N ILE A 186 -4.10 3.85 -0.30
CA ILE A 186 -2.72 3.57 0.07
C ILE A 186 -2.75 3.62 1.60
N ALA A 187 -2.45 2.50 2.25
CA ALA A 187 -2.49 2.44 3.71
C ALA A 187 -1.71 3.61 4.30
N SER A 188 -2.39 4.37 5.16
CA SER A 188 -1.77 5.55 5.75
C SER A 188 -1.61 5.51 7.28
N PHE A 189 -2.72 5.38 8.00
CA PHE A 189 -2.63 5.35 9.46
C PHE A 189 -3.79 4.67 10.16
N VAL A 190 -3.54 4.27 11.41
CA VAL A 190 -4.55 3.64 12.24
C VAL A 190 -4.73 4.52 13.48
N ARG A 191 -5.80 4.25 14.23
CA ARG A 191 -6.08 5.00 15.45
C ARG A 191 -6.48 3.99 16.53
N GLY A 192 -6.02 4.25 17.76
CA GLY A 192 -6.32 3.35 18.86
C GLY A 192 -5.55 2.05 18.73
N GLY A 193 -4.42 2.11 18.04
CA GLY A 193 -3.61 0.92 17.84
C GLY A 193 -4.17 0.10 16.70
N CYS A 194 -3.43 -0.92 16.28
CA CYS A 194 -3.86 -1.78 15.19
C CYS A 194 -5.07 -2.63 15.55
N ALA A 195 -5.98 -2.80 14.60
CA ALA A 195 -7.17 -3.62 14.80
C ALA A 195 -7.88 -3.35 16.12
N SER A 196 -8.20 -2.09 16.37
CA SER A 196 -8.88 -1.70 17.60
C SER A 196 -10.32 -2.22 17.63
N GLY A 197 -10.91 -2.30 16.45
CA GLY A 197 -12.29 -2.74 16.34
C GLY A 197 -13.20 -1.55 16.58
N LEU A 198 -12.60 -0.36 16.67
CA LEU A 198 -13.34 0.86 16.91
C LEU A 198 -13.08 1.90 15.83
N TYR A 199 -11.82 2.25 15.65
CA TYR A 199 -11.44 3.23 14.64
C TYR A 199 -11.14 2.60 13.29
N PRO A 200 -11.75 3.13 12.23
CA PRO A 200 -11.49 2.55 10.91
C PRO A 200 -10.07 2.88 10.46
N ASP A 201 -9.50 2.03 9.60
CA ASP A 201 -8.16 2.27 9.09
C ASP A 201 -8.28 3.38 8.04
N ALA A 202 -7.25 4.22 7.95
CA ALA A 202 -7.27 5.31 6.99
C ALA A 202 -6.27 5.10 5.87
N PHE A 203 -6.71 5.39 4.65
CA PHE A 203 -5.89 5.25 3.44
C PHE A 203 -5.90 6.54 2.64
N ALA A 204 -4.82 6.80 1.91
CA ALA A 204 -4.76 7.99 1.05
C ALA A 204 -5.78 7.69 -0.06
N PRO A 205 -6.63 8.67 -0.40
CA PRO A 205 -7.65 8.48 -1.46
C PRO A 205 -7.04 8.61 -2.85
N VAL A 206 -6.57 7.49 -3.39
CA VAL A 206 -5.93 7.47 -4.70
C VAL A 206 -6.71 8.20 -5.81
N ALA A 207 -8.03 8.02 -5.84
CA ALA A 207 -8.85 8.65 -6.87
C ALA A 207 -8.70 10.17 -6.93
N GLN A 208 -8.41 10.79 -5.79
CA GLN A 208 -8.24 12.24 -5.74
C GLN A 208 -6.92 12.71 -6.36
N PHE A 209 -6.00 11.78 -6.55
CA PHE A 209 -4.68 12.11 -7.10
C PHE A 209 -4.42 11.55 -8.50
N VAL A 210 -5.45 11.07 -9.16
CA VAL A 210 -5.27 10.46 -10.49
C VAL A 210 -4.71 11.39 -11.57
N ASN A 211 -5.19 12.61 -11.67
CA ASN A 211 -4.66 13.51 -12.69
C ASN A 211 -3.17 13.78 -12.43
N TRP A 212 -2.81 13.88 -11.16
CA TRP A 212 -1.42 14.11 -10.77
C TRP A 212 -0.58 12.89 -11.18
N ILE A 213 -1.05 11.71 -10.81
CA ILE A 213 -0.37 10.46 -11.14
C ILE A 213 -0.15 10.35 -12.65
N ASP A 214 -1.22 10.55 -13.42
CA ASP A 214 -1.14 10.46 -14.87
C ASP A 214 -0.16 11.44 -15.50
N SER A 215 -0.03 12.63 -14.91
CA SER A 215 0.89 13.64 -15.45
C SER A 215 2.34 13.18 -15.30
N ILE A 216 2.58 12.27 -14.37
CA ILE A 216 3.93 11.79 -14.11
C ILE A 216 4.28 10.51 -14.86
N ILE A 217 3.37 9.55 -14.87
CA ILE A 217 3.61 8.27 -15.53
C ILE A 217 3.20 8.27 -17.00
N GLN A 218 2.65 9.38 -17.47
CA GLN A 218 2.18 9.55 -18.85
C GLN A 218 0.80 8.95 -19.06
C1 NAG B . -13.59 -10.98 0.25
C2 NAG B . -15.04 -11.17 -0.19
C3 NAG B . -15.10 -12.05 -1.44
C4 NAG B . -14.19 -11.48 -2.54
C5 NAG B . -12.78 -11.18 -2.00
C6 NAG B . -11.98 -10.40 -3.03
C7 NAG B . -16.54 -11.02 1.69
C8 NAG B . -17.46 -11.76 2.66
N2 NAG B . -15.80 -11.78 0.88
O3 NAG B . -16.42 -12.11 -1.91
O4 NAG B . -14.06 -12.44 -3.62
O5 NAG B . -12.84 -10.38 -0.81
O6 NAG B . -12.54 -9.07 -3.15
O7 NAG B . -16.51 -9.79 1.68
C1 NAG B . -15.05 -12.42 -4.60
C2 NAG B . -14.47 -12.92 -5.93
C3 NAG B . -15.55 -13.04 -7.00
C4 NAG B . -16.72 -13.89 -6.48
C5 NAG B . -17.24 -13.28 -5.18
C6 NAG B . -18.36 -14.08 -4.57
C7 NAG B . -12.16 -12.30 -6.37
C8 NAG B . -11.22 -11.38 -7.13
N2 NAG B . -13.45 -11.98 -6.39
O3 NAG B . -15.02 -13.64 -8.18
O4 NAG B . -17.76 -13.93 -7.46
O5 NAG B . -16.18 -13.23 -4.22
O6 NAG B . -18.74 -13.56 -3.30
O7 NAG B . -11.70 -13.28 -5.78
C1 FUC B . -12.88 -8.72 -4.46
C2 FUC B . -13.62 -7.38 -4.46
C3 FUC B . -12.67 -6.23 -4.05
C4 FUC B . -11.39 -6.26 -4.87
C5 FUC B . -10.76 -7.65 -4.85
C6 FUC B . -9.54 -7.79 -5.74
O2 FUC B . -14.72 -7.43 -3.55
O3 FUC B . -13.32 -4.99 -4.22
O4 FUC B . -11.69 -5.91 -6.21
O5 FUC B . -11.72 -8.63 -5.30
N1 EPE C . -1.16 -3.76 -19.28
C2 EPE C . -1.87 -2.72 -18.49
C3 EPE C . -3.29 -3.23 -18.13
N4 EPE C . -3.20 -4.51 -17.38
C5 EPE C . -2.52 -5.51 -18.25
C6 EPE C . -1.09 -5.03 -18.53
C7 EPE C . -4.60 -4.95 -17.09
C8 EPE C . -4.65 -6.28 -16.30
O8 EPE C . -3.59 -6.35 -15.34
C9 EPE C . 0.20 -3.21 -19.60
C10 EPE C . 1.06 -4.24 -20.37
S EPE C . 2.66 -3.50 -20.84
O1S EPE C . 2.45 -2.53 -21.85
O2S EPE C . 3.39 -3.10 -19.67
O3S EPE C . 3.44 -4.61 -21.51
#